data_7T2K
#
_entry.id   7T2K
#
_cell.length_a   121.910
_cell.length_b   61.272
_cell.length_c   79.738
_cell.angle_alpha   90.000
_cell.angle_beta   117.456
_cell.angle_gamma   90.000
#
_symmetry.space_group_name_H-M   'C 1 2 1'
#
loop_
_entity.id
_entity.type
_entity.pdbx_description
1 polymer 'Transcriptional enhancer factor TEF-4'
2 non-polymer 4-[2-(trifluoromethyl)anilino]-1,3-dihydro-2H-isoindole-2-carbonitrile
3 water water
#
_entity_poly.entity_id   1
_entity_poly.type   'polypeptide(L)'
_entity_poly.pdbx_seq_one_letter_code
;GHMAWQARGLGTARLQLVEFSAFVEPPDAVDSYQRHLFVHISQHCPSPGAPPLESVDVRQIYDKFPEKKGGLRELYDRGP
PHAFFLVKFWADLNWGPSGEEAGAGGSISSGGFYGVSSQYESLEHMTLTCSSKVCSFGKQVVEKVETERAQLEDGRFVYR
LLRSPMCEYLVNFLHKLRQLPERYMMNSVLENFTILQVVTNRDTQELLLCTAYVFEVSTSERGAQHHIYRLVRD
;
_entity_poly.pdbx_strand_id   B,A
#
loop_
_chem_comp.id
_chem_comp.type
_chem_comp.name
_chem_comp.formula
ED0 non-polymer 4-[2-(trifluoromethyl)anilino]-1,3-dihydro-2H-isoindole-2-carbonitrile 'C16 H12 F3 N3'
#
# COMPACT_ATOMS: atom_id res chain seq x y z
N TRP A 5 -1.95 10.45 -31.40
CA TRP A 5 -2.94 9.70 -30.65
C TRP A 5 -2.22 8.53 -29.94
N GLN A 6 -1.13 8.08 -30.56
CA GLN A 6 -0.14 7.26 -29.86
C GLN A 6 0.68 8.12 -28.92
N ALA A 7 1.07 7.53 -27.79
CA ALA A 7 1.76 8.27 -26.75
C ALA A 7 3.15 8.68 -27.20
N ARG A 8 3.58 9.86 -26.76
CA ARG A 8 4.96 10.29 -26.89
C ARG A 8 5.76 10.08 -25.61
N GLY A 9 5.13 9.61 -24.54
CA GLY A 9 5.76 9.58 -23.24
C GLY A 9 4.86 8.88 -22.25
N LEU A 10 5.32 8.80 -21.01
CA LEU A 10 4.67 7.98 -19.99
C LEU A 10 3.47 8.75 -19.46
N GLY A 11 2.34 8.61 -20.13
CA GLY A 11 1.12 9.25 -19.70
C GLY A 11 -0.04 9.11 -20.66
N THR A 12 -1.25 9.32 -20.16
CA THR A 12 -2.37 9.69 -21.00
C THR A 12 -2.50 11.21 -21.10
N ALA A 13 -3.44 11.66 -21.95
CA ALA A 13 -3.93 13.02 -21.84
C ALA A 13 -4.57 13.30 -20.50
N ARG A 14 -5.04 12.26 -19.81
CA ARG A 14 -5.76 12.42 -18.55
C ARG A 14 -4.83 12.50 -17.36
N LEU A 15 -3.76 11.71 -17.38
CA LEU A 15 -2.82 11.74 -16.28
C LEU A 15 -1.45 11.39 -16.80
N GLN A 16 -0.47 12.22 -16.45
CA GLN A 16 0.89 11.98 -16.89
C GLN A 16 1.94 12.13 -15.82
N LEU A 17 2.92 11.27 -15.96
CA LEU A 17 4.10 11.38 -15.14
C LEU A 17 4.90 12.61 -15.50
N VAL A 18 5.11 13.46 -14.49
CA VAL A 18 6.10 14.52 -14.58
C VAL A 18 7.48 13.98 -14.25
N GLU A 19 7.63 13.34 -13.09
CA GLU A 19 8.94 12.89 -12.64
C GLU A 19 8.78 11.69 -11.71
N PHE A 20 9.73 10.78 -11.79
CA PHE A 20 9.86 9.67 -10.86
C PHE A 20 11.33 9.45 -10.56
N SER A 21 11.63 9.10 -9.31
CA SER A 21 13.01 8.76 -8.93
C SER A 21 12.97 7.95 -7.64
N ALA A 22 13.72 6.86 -7.62
CA ALA A 22 14.18 6.24 -6.38
C ALA A 22 15.63 6.62 -6.12
N PHE A 23 15.93 7.04 -4.90
CA PHE A 23 17.21 7.65 -4.58
C PHE A 23 17.62 7.30 -3.17
N VAL A 24 18.91 7.49 -2.88
CA VAL A 24 19.43 7.47 -1.52
C VAL A 24 20.20 8.76 -1.27
N GLU A 25 19.97 9.36 -0.10
CA GLU A 25 20.82 10.43 0.41
C GLU A 25 21.68 9.90 1.55
N PRO A 26 23.01 9.97 1.44
CA PRO A 26 23.85 9.54 2.55
C PRO A 26 23.72 10.49 3.73
N PRO A 27 24.03 10.01 4.94
CA PRO A 27 23.83 10.86 6.13
C PRO A 27 24.67 12.11 6.15
N ASP A 28 25.77 12.17 5.40
CA ASP A 28 26.58 13.38 5.33
C ASP A 28 26.01 14.42 4.38
N ALA A 29 24.87 14.15 3.75
CA ALA A 29 24.17 15.19 3.00
C ALA A 29 23.67 16.32 3.90
N VAL A 30 23.58 16.10 5.21
CA VAL A 30 23.15 17.18 6.10
C VAL A 30 24.16 18.31 6.11
N ASP A 31 25.43 18.02 5.83
CA ASP A 31 26.42 19.08 5.67
C ASP A 31 26.57 19.45 4.20
N SER A 32 26.97 18.49 3.37
CA SER A 32 27.36 18.75 1.99
C SER A 32 26.47 17.88 1.11
N TYR A 33 25.37 18.45 0.63
CA TYR A 33 24.27 17.63 0.17
C TYR A 33 24.62 16.91 -1.11
N GLN A 34 24.11 15.68 -1.25
CA GLN A 34 24.47 14.82 -2.36
C GLN A 34 23.51 13.63 -2.41
N ARG A 35 22.94 13.37 -3.59
CA ARG A 35 21.96 12.30 -3.76
C ARG A 35 22.47 11.32 -4.80
N HIS A 36 22.15 10.05 -4.60
CA HIS A 36 22.39 9.01 -5.60
C HIS A 36 21.05 8.53 -6.15
N LEU A 37 20.95 8.48 -7.48
CA LEU A 37 19.72 8.09 -8.16
C LEU A 37 19.85 6.66 -8.65
N PHE A 38 18.98 5.78 -8.13
CA PHE A 38 18.96 4.40 -8.61
C PHE A 38 18.32 4.31 -9.99
N VAL A 39 17.09 4.83 -10.12
CA VAL A 39 16.46 5.07 -11.41
C VAL A 39 15.79 6.44 -11.37
N HIS A 40 15.47 6.96 -12.55
CA HIS A 40 15.01 8.35 -12.67
C HIS A 40 14.36 8.53 -14.02
N ILE A 41 13.08 8.94 -14.02
CA ILE A 41 12.41 9.50 -15.19
C ILE A 41 12.15 10.97 -14.94
N SER A 42 12.60 11.82 -15.86
CA SER A 42 12.22 13.23 -15.89
C SER A 42 11.57 13.55 -17.23
N GLN A 43 10.45 14.26 -17.19
CA GLN A 43 9.69 14.60 -18.39
C GLN A 43 9.27 16.06 -18.39
N PRO A 51 7.20 12.03 -31.80
CA PRO A 51 8.03 10.84 -31.57
C PRO A 51 7.30 9.77 -30.77
N PRO A 52 6.54 8.92 -31.44
CA PRO A 52 5.80 7.87 -30.71
C PRO A 52 6.74 6.89 -30.05
N LEU A 53 6.32 6.39 -28.89
CA LEU A 53 7.07 5.37 -28.19
C LEU A 53 6.99 4.04 -28.94
N GLU A 54 8.03 3.23 -28.79
CA GLU A 54 7.99 1.86 -29.25
C GLU A 54 7.02 1.05 -28.39
N SER A 55 6.42 0.02 -29.00
CA SER A 55 5.44 -0.82 -28.35
C SER A 55 6.03 -2.19 -28.04
N VAL A 56 5.53 -2.80 -26.98
CA VAL A 56 5.86 -4.19 -26.64
C VAL A 56 4.56 -4.91 -26.32
N ASP A 57 4.36 -6.09 -26.93
CA ASP A 57 3.14 -6.83 -26.69
C ASP A 57 3.00 -7.19 -25.23
N VAL A 58 1.84 -6.90 -24.66
CA VAL A 58 1.67 -7.09 -23.24
C VAL A 58 1.67 -8.59 -22.89
N ARG A 59 1.18 -9.46 -23.77
CA ARG A 59 1.06 -10.87 -23.43
C ARG A 59 2.42 -11.51 -23.14
N GLN A 60 3.49 -11.01 -23.78
CA GLN A 60 4.82 -11.51 -23.50
C GLN A 60 5.25 -11.26 -22.06
N ILE A 61 4.67 -10.26 -21.40
CA ILE A 61 5.13 -9.78 -20.10
C ILE A 61 4.19 -10.22 -18.98
N TYR A 62 3.20 -11.07 -19.30
CA TYR A 62 2.32 -11.67 -18.30
C TYR A 62 3.10 -12.53 -17.32
N ASP A 63 4.19 -13.16 -17.78
CA ASP A 63 4.95 -14.07 -16.93
C ASP A 63 5.39 -13.38 -15.64
N LYS A 64 5.78 -12.12 -15.75
CA LYS A 64 6.57 -11.46 -14.73
C LYS A 64 5.72 -10.80 -13.67
N PHE A 65 4.41 -11.01 -13.72
CA PHE A 65 3.45 -10.32 -12.88
C PHE A 65 2.32 -11.33 -12.51
N PRO A 66 1.70 -11.12 -11.37
CA PRO A 66 0.71 -12.13 -10.93
C PRO A 66 -0.56 -12.06 -11.77
N GLU A 67 -1.36 -13.12 -11.67
CA GLU A 67 -2.39 -13.38 -12.66
C GLU A 67 -3.74 -13.71 -12.03
N LYS A 68 -3.95 -13.35 -10.76
CA LYS A 68 -5.25 -13.58 -10.14
C LYS A 68 -6.12 -12.32 -10.16
N LYS A 69 -5.67 -11.26 -9.51
CA LYS A 69 -6.38 -10.00 -9.44
C LYS A 69 -5.37 -8.87 -9.28
N GLY A 70 -5.67 -7.74 -9.90
CA GLY A 70 -4.68 -6.68 -10.03
C GLY A 70 -3.44 -7.14 -10.76
N GLY A 71 -3.56 -8.21 -11.53
CA GLY A 71 -2.52 -8.62 -12.42
C GLY A 71 -2.70 -8.12 -13.83
N LEU A 72 -1.63 -8.24 -14.62
CA LEU A 72 -1.50 -7.40 -15.81
C LEU A 72 -2.49 -7.83 -16.89
N ARG A 73 -2.80 -9.12 -16.99
CA ARG A 73 -3.93 -9.57 -17.78
C ARG A 73 -5.19 -8.81 -17.43
N GLU A 74 -5.65 -8.96 -16.19
CA GLU A 74 -7.03 -8.60 -15.86
C GLU A 74 -7.21 -7.10 -15.86
N LEU A 75 -6.16 -6.34 -15.53
CA LEU A 75 -6.19 -4.90 -15.71
C LEU A 75 -6.27 -4.53 -17.19
N TYR A 76 -5.51 -5.21 -18.05
CA TYR A 76 -5.53 -4.87 -19.47
C TYR A 76 -6.84 -5.28 -20.12
N ASP A 77 -7.40 -6.41 -19.72
CA ASP A 77 -8.80 -6.71 -20.06
C ASP A 77 -9.71 -5.58 -19.60
N ARG A 78 -9.46 -5.05 -18.41
CA ARG A 78 -10.30 -4.02 -17.82
C ARG A 78 -10.01 -2.64 -18.40
N GLY A 79 -8.78 -2.41 -18.85
CA GLY A 79 -8.47 -1.25 -19.64
C GLY A 79 -8.35 0.01 -18.81
N PRO A 80 -8.15 1.16 -19.47
CA PRO A 80 -7.99 1.34 -20.91
C PRO A 80 -6.59 1.00 -21.42
N PRO A 81 -6.51 0.42 -22.62
CA PRO A 81 -5.21 -0.06 -23.12
C PRO A 81 -4.16 1.03 -23.26
N HIS A 82 -4.58 2.26 -23.57
CA HIS A 82 -3.62 3.34 -23.78
C HIS A 82 -2.99 3.82 -22.49
N ALA A 83 -3.50 3.40 -21.33
CA ALA A 83 -2.93 3.77 -20.05
C ALA A 83 -1.74 2.89 -19.65
N PHE A 84 -1.43 1.87 -20.43
CA PHE A 84 -0.51 0.82 -20.01
C PHE A 84 0.86 1.04 -20.63
N PHE A 85 1.91 0.93 -19.82
CA PHE A 85 3.27 1.20 -20.25
C PHE A 85 4.21 0.19 -19.61
N LEU A 86 5.28 -0.13 -20.34
CA LEU A 86 6.43 -0.83 -19.78
C LEU A 86 7.61 0.12 -19.71
N VAL A 87 8.31 0.12 -18.58
CA VAL A 87 9.60 0.78 -18.44
C VAL A 87 10.65 -0.27 -18.12
N LYS A 88 11.71 -0.31 -18.91
CA LYS A 88 12.93 -1.01 -18.54
C LYS A 88 13.90 -0.03 -17.90
N PHE A 89 14.34 -0.34 -16.69
CA PHE A 89 15.34 0.44 -15.99
C PHE A 89 16.69 -0.25 -16.06
N TRP A 90 17.74 0.54 -16.23
CA TRP A 90 19.09 0.12 -15.87
C TRP A 90 19.48 0.82 -14.57
N ALA A 91 19.45 0.07 -13.48
CA ALA A 91 19.59 0.65 -12.15
C ALA A 91 21.06 0.95 -11.84
N ASP A 92 21.29 2.06 -11.15
CA ASP A 92 22.63 2.47 -10.76
C ASP A 92 22.87 2.04 -9.31
N LEU A 93 23.75 1.06 -9.12
CA LEU A 93 23.83 0.32 -7.87
C LEU A 93 25.16 0.53 -7.15
N ASN A 94 25.89 1.60 -7.47
CA ASN A 94 27.11 1.93 -6.75
C ASN A 94 26.90 3.21 -5.96
N TRP A 95 27.30 3.18 -4.68
CA TRP A 95 27.14 4.31 -3.77
C TRP A 95 27.74 4.00 -2.39
N GLY A 111 23.29 3.48 6.16
CA GLY A 111 22.36 4.10 7.10
C GLY A 111 22.01 5.52 6.75
N GLY A 112 21.84 5.80 5.47
CA GLY A 112 21.21 7.02 5.01
C GLY A 112 19.72 6.86 4.78
N PHE A 113 19.13 7.90 4.21
CA PHE A 113 17.71 7.90 3.88
C PHE A 113 17.49 7.37 2.48
N TYR A 114 16.48 6.52 2.33
CA TYR A 114 16.16 5.87 1.06
C TYR A 114 14.76 6.29 0.64
N GLY A 115 14.66 6.89 -0.54
CA GLY A 115 13.50 7.69 -0.89
C GLY A 115 12.98 7.36 -2.27
N VAL A 116 11.67 7.50 -2.44
CA VAL A 116 11.03 7.52 -3.74
C VAL A 116 10.22 8.80 -3.88
N SER A 117 10.43 9.52 -4.97
CA SER A 117 9.67 10.73 -5.28
C SER A 117 8.99 10.57 -6.64
N SER A 118 7.69 10.80 -6.67
CA SER A 118 6.91 10.69 -7.91
C SER A 118 5.99 11.90 -8.03
N GLN A 119 5.76 12.35 -9.26
CA GLN A 119 4.94 13.53 -9.51
C GLN A 119 4.13 13.33 -10.79
N TYR A 120 2.82 13.52 -10.68
CA TYR A 120 1.90 13.41 -11.81
C TYR A 120 1.19 14.74 -12.04
N GLU A 121 0.53 14.85 -13.18
CA GLU A 121 -0.07 16.11 -13.62
C GLU A 121 -1.32 15.80 -14.44
N SER A 122 -2.34 16.64 -14.26
CA SER A 122 -3.62 16.42 -14.91
C SER A 122 -4.17 17.75 -15.41
N LEU A 123 -5.38 17.69 -15.97
CA LEU A 123 -6.25 18.84 -16.08
C LEU A 123 -7.58 18.68 -15.35
N GLU A 124 -8.03 17.44 -15.11
CA GLU A 124 -9.08 17.16 -14.13
C GLU A 124 -8.56 17.32 -12.71
N HIS A 125 -9.48 17.69 -11.80
CA HIS A 125 -9.27 17.56 -10.35
C HIS A 125 -9.72 16.17 -9.93
N MET A 126 -8.75 15.30 -9.68
CA MET A 126 -9.01 13.98 -9.15
C MET A 126 -8.30 13.82 -7.82
N THR A 127 -8.68 12.77 -7.11
CA THR A 127 -7.89 12.23 -6.00
C THR A 127 -7.31 10.90 -6.43
N LEU A 128 -5.98 10.82 -6.50
CA LEU A 128 -5.32 9.63 -7.02
C LEU A 128 -5.12 8.60 -5.92
N THR A 129 -5.18 7.33 -6.31
CA THR A 129 -4.62 6.23 -5.53
C THR A 129 -3.52 5.57 -6.33
N CYS A 130 -2.31 5.53 -5.76
CA CYS A 130 -1.16 4.89 -6.38
C CYS A 130 -0.79 3.66 -5.56
N SER A 131 -1.02 2.48 -6.12
CA SER A 131 -0.47 1.24 -5.59
C SER A 131 0.81 0.87 -6.32
N SER A 132 1.75 0.27 -5.59
CA SER A 132 2.97 -0.26 -6.18
C SER A 132 3.14 -1.70 -5.72
N LYS A 133 2.95 -2.64 -6.64
CA LYS A 133 3.14 -4.05 -6.37
C LYS A 133 4.57 -4.44 -6.69
N VAL A 134 5.34 -4.83 -5.69
CA VAL A 134 6.65 -5.42 -5.90
C VAL A 134 6.49 -6.93 -6.01
N CYS A 135 7.06 -7.50 -7.06
CA CYS A 135 6.78 -8.88 -7.43
C CYS A 135 8.09 -9.64 -7.58
N SER A 136 8.03 -10.95 -7.32
CA SER A 136 9.19 -11.82 -7.39
C SER A 136 8.78 -13.12 -8.06
N PHE A 137 9.43 -13.43 -9.19
CA PHE A 137 9.02 -14.54 -10.06
C PHE A 137 7.56 -14.40 -10.47
N GLY A 138 7.10 -13.17 -10.64
CA GLY A 138 5.69 -12.91 -10.92
C GLY A 138 4.73 -13.24 -9.81
N LYS A 139 5.09 -12.92 -8.56
CA LYS A 139 4.17 -13.06 -7.44
C LYS A 139 4.38 -11.92 -6.46
N GLN A 140 3.29 -11.34 -5.97
CA GLN A 140 3.39 -10.12 -5.18
C GLN A 140 4.07 -10.39 -3.85
N VAL A 141 4.99 -9.50 -3.47
CA VAL A 141 5.73 -9.61 -2.23
C VAL A 141 5.49 -8.40 -1.31
N VAL A 142 5.47 -7.20 -1.88
CA VAL A 142 5.15 -5.98 -1.14
C VAL A 142 4.22 -5.13 -1.98
N GLU A 143 3.25 -4.48 -1.32
CA GLU A 143 2.44 -3.44 -1.95
C GLU A 143 2.43 -2.19 -1.10
N LYS A 144 2.50 -1.02 -1.75
CA LYS A 144 2.34 0.25 -1.07
C LYS A 144 1.30 1.10 -1.79
N VAL A 145 0.32 1.60 -1.05
CA VAL A 145 -0.91 2.16 -1.61
C VAL A 145 -1.10 3.53 -0.96
N GLU A 146 -0.78 4.58 -1.70
CA GLU A 146 -0.90 5.94 -1.21
C GLU A 146 -2.01 6.68 -1.93
N THR A 147 -2.49 7.75 -1.30
CA THR A 147 -3.41 8.69 -1.93
C THR A 147 -2.79 10.08 -1.99
N GLU A 148 -3.13 10.82 -3.04
CA GLU A 148 -2.77 12.23 -3.16
C GLU A 148 -3.92 12.96 -3.85
N ARG A 149 -4.44 13.99 -3.21
CA ARG A 149 -5.31 14.94 -3.89
C ARG A 149 -4.48 15.98 -4.64
N ALA A 150 -5.13 16.65 -5.59
CA ALA A 150 -4.44 17.60 -6.45
C ALA A 150 -4.18 18.91 -5.71
N GLN A 151 -3.11 19.58 -6.11
CA GLN A 151 -3.00 21.03 -5.97
C GLN A 151 -3.26 21.72 -7.30
N LEU A 152 -3.90 22.89 -7.23
CA LEU A 152 -4.17 23.72 -8.40
C LEU A 152 -3.02 24.69 -8.61
N GLU A 153 -2.25 24.47 -9.69
CA GLU A 153 -1.07 25.28 -10.00
C GLU A 153 -1.03 25.50 -11.50
N ASP A 154 -1.24 26.74 -11.94
CA ASP A 154 -1.33 27.09 -13.36
C ASP A 154 -2.53 26.42 -14.03
N GLY A 155 -3.61 26.23 -13.29
CA GLY A 155 -4.80 25.61 -13.84
C GLY A 155 -4.63 24.12 -14.02
N ARG A 156 -3.53 23.74 -14.66
CA ARG A 156 -2.88 22.45 -14.50
C ARG A 156 -2.90 21.99 -13.05
N PHE A 157 -3.25 20.72 -12.83
CA PHE A 157 -3.32 20.15 -11.49
C PHE A 157 -2.16 19.19 -11.26
N VAL A 158 -1.66 19.18 -10.03
CA VAL A 158 -0.32 18.69 -9.71
C VAL A 158 -0.44 17.70 -8.56
N TYR A 159 0.18 16.53 -8.71
CA TYR A 159 0.07 15.45 -7.74
C TYR A 159 1.47 15.08 -7.27
N ARG A 160 1.79 15.42 -6.03
CA ARG A 160 3.14 15.29 -5.49
C ARG A 160 3.16 14.18 -4.45
N LEU A 161 3.87 13.10 -4.75
CA LEU A 161 4.20 12.07 -3.77
C LEU A 161 5.72 12.03 -3.62
N LEU A 162 6.25 12.92 -2.79
CA LEU A 162 7.65 13.28 -2.83
C LEU A 162 8.35 12.77 -1.58
N ARG A 163 9.56 12.22 -1.76
CA ARG A 163 10.40 11.80 -0.63
C ARG A 163 9.69 10.77 0.24
N SER A 164 8.82 9.97 -0.38
CA SER A 164 8.23 8.84 0.32
C SER A 164 9.33 7.89 0.78
N PRO A 165 9.32 7.47 2.05
CA PRO A 165 10.32 6.50 2.51
C PRO A 165 10.23 5.21 1.70
N MET A 166 11.40 4.72 1.27
CA MET A 166 11.46 3.43 0.62
C MET A 166 11.13 2.34 1.62
N CYS A 167 10.15 1.51 1.25
CA CYS A 167 9.82 0.29 1.97
C CYS A 167 11.02 -0.66 2.10
N GLU A 168 11.17 -1.23 3.30
CA GLU A 168 12.44 -1.79 3.75
C GLU A 168 12.80 -3.06 3.00
N TYR A 169 11.81 -3.74 2.42
CA TYR A 169 12.09 -4.84 1.51
C TYR A 169 13.07 -4.41 0.42
N LEU A 170 12.86 -3.24 -0.15
CA LEU A 170 13.62 -2.86 -1.33
C LEU A 170 14.90 -2.12 -1.00
N VAL A 171 14.96 -1.47 0.17
CA VAL A 171 16.25 -1.04 0.71
C VAL A 171 17.13 -2.24 0.97
N ASN A 172 16.58 -3.28 1.61
CA ASN A 172 17.37 -4.46 1.92
C ASN A 172 17.68 -5.28 0.67
N PHE A 173 16.73 -5.35 -0.26
CA PHE A 173 17.01 -5.95 -1.56
C PHE A 173 18.21 -5.28 -2.22
N LEU A 174 18.27 -3.95 -2.17
CA LEU A 174 19.36 -3.22 -2.81
C LEU A 174 20.71 -3.61 -2.21
N HIS A 175 20.78 -3.69 -0.88
CA HIS A 175 22.05 -3.94 -0.21
C HIS A 175 22.50 -5.38 -0.41
N LYS A 176 21.57 -6.33 -0.36
CA LYS A 176 21.85 -7.68 -0.82
C LYS A 176 22.27 -7.68 -2.29
N LEU A 177 21.52 -6.97 -3.13
CA LEU A 177 21.83 -7.01 -4.56
C LEU A 177 23.22 -6.48 -4.83
N ARG A 178 23.57 -5.33 -4.22
CA ARG A 178 24.80 -4.64 -4.55
C ARG A 178 26.05 -5.42 -4.19
N GLN A 179 25.95 -6.38 -3.27
CA GLN A 179 27.09 -7.18 -2.83
C GLN A 179 27.21 -8.49 -3.59
N LEU A 180 26.50 -8.63 -4.70
CA LEU A 180 26.78 -9.71 -5.64
C LEU A 180 28.10 -9.43 -6.37
N PRO A 181 28.91 -10.46 -6.63
CA PRO A 181 30.24 -10.22 -7.20
C PRO A 181 30.24 -9.98 -8.70
N GLU A 182 29.18 -10.35 -9.40
CA GLU A 182 29.10 -10.22 -10.85
C GLU A 182 27.76 -9.60 -11.21
N ARG A 183 27.76 -8.77 -12.25
CA ARG A 183 26.53 -8.10 -12.65
C ARG A 183 25.60 -9.00 -13.46
N TYR A 184 26.12 -10.07 -14.07
CA TYR A 184 25.25 -11.07 -14.66
C TYR A 184 24.47 -11.82 -13.60
N MET A 185 25.08 -12.05 -12.43
CA MET A 185 24.33 -12.56 -11.29
C MET A 185 23.25 -11.57 -10.87
N MET A 186 23.56 -10.28 -10.88
CA MET A 186 22.57 -9.27 -10.53
C MET A 186 21.41 -9.29 -11.51
N ASN A 187 21.72 -9.33 -12.81
CA ASN A 187 20.67 -9.32 -13.83
C ASN A 187 19.94 -10.66 -13.88
N SER A 188 20.59 -11.74 -13.47
CA SER A 188 19.87 -12.98 -13.22
C SER A 188 18.82 -12.81 -12.13
N VAL A 189 19.18 -12.12 -11.05
CA VAL A 189 18.22 -11.88 -9.98
C VAL A 189 17.09 -10.97 -10.47
N LEU A 190 17.45 -9.87 -11.13
CA LEU A 190 16.47 -8.85 -11.49
C LEU A 190 15.56 -9.32 -12.62
N GLU A 191 15.96 -10.35 -13.35
CA GLU A 191 15.06 -10.97 -14.31
C GLU A 191 13.81 -11.53 -13.65
N ASN A 192 13.90 -11.91 -12.38
CA ASN A 192 12.75 -12.44 -11.66
C ASN A 192 12.22 -11.43 -10.64
N PHE A 193 12.31 -10.14 -10.98
CA PHE A 193 11.96 -9.06 -10.06
C PHE A 193 11.27 -7.98 -10.87
N THR A 194 10.07 -7.61 -10.45
CA THR A 194 9.25 -6.67 -11.21
C THR A 194 8.49 -5.76 -10.24
N ILE A 195 8.10 -4.60 -10.74
CA ILE A 195 7.16 -3.72 -10.05
C ILE A 195 6.01 -3.39 -10.98
N LEU A 196 4.78 -3.56 -10.49
CA LEU A 196 3.58 -3.07 -11.14
C LEU A 196 3.04 -1.87 -10.38
N GLN A 197 2.95 -0.72 -11.05
CA GLN A 197 2.46 0.51 -10.44
C GLN A 197 1.14 0.90 -11.07
N VAL A 198 0.11 1.04 -10.25
CA VAL A 198 -1.27 1.18 -10.71
C VAL A 198 -1.82 2.47 -10.14
N VAL A 199 -2.29 3.36 -11.02
CA VAL A 199 -2.82 4.65 -10.63
C VAL A 199 -4.28 4.72 -11.02
N THR A 200 -5.15 5.03 -10.06
CA THR A 200 -6.58 5.07 -10.30
C THR A 200 -7.18 6.31 -9.65
N ASN A 201 -8.23 6.85 -10.27
CA ASN A 201 -9.10 7.80 -9.60
C ASN A 201 -9.76 7.14 -8.40
N ARG A 202 -9.54 7.72 -7.21
CA ARG A 202 -10.05 7.12 -5.98
C ARG A 202 -11.57 7.12 -5.94
N ASP A 203 -12.18 8.22 -6.38
CA ASP A 203 -13.65 8.30 -6.40
C ASP A 203 -14.23 7.27 -7.36
N THR A 204 -13.90 7.39 -8.65
CA THR A 204 -14.58 6.65 -9.69
C THR A 204 -14.06 5.22 -9.85
N GLN A 205 -12.94 4.90 -9.21
CA GLN A 205 -12.37 3.55 -9.23
C GLN A 205 -11.91 3.13 -10.62
N GLU A 206 -11.60 4.10 -11.48
CA GLU A 206 -11.22 3.82 -12.85
C GLU A 206 -9.72 4.01 -13.04
N LEU A 207 -9.15 3.22 -13.93
CA LEU A 207 -7.71 3.26 -14.16
C LEU A 207 -7.31 4.50 -14.93
N LEU A 208 -6.21 5.12 -14.51
CA LEU A 208 -5.63 6.26 -15.20
C LEU A 208 -4.30 5.94 -15.85
N LEU A 209 -3.46 5.14 -15.19
CA LEU A 209 -2.09 4.92 -15.64
C LEU A 209 -1.56 3.68 -14.94
N CYS A 210 -1.16 2.67 -15.70
CA CYS A 210 -0.59 1.44 -15.16
C CYS A 210 0.77 1.21 -15.80
N THR A 211 1.78 0.96 -14.96
CA THR A 211 3.17 0.94 -15.41
C THR A 211 3.84 -0.32 -14.88
N ALA A 212 4.28 -1.19 -15.78
CA ALA A 212 5.15 -2.30 -15.44
C ALA A 212 6.61 -1.88 -15.53
N TYR A 213 7.40 -2.31 -14.55
CA TYR A 213 8.82 -2.02 -14.50
C TYR A 213 9.61 -3.32 -14.55
N VAL A 214 10.54 -3.41 -15.51
CA VAL A 214 11.54 -4.46 -15.52
C VAL A 214 12.92 -3.83 -15.43
N PHE A 215 13.85 -4.57 -14.85
CA PHE A 215 15.06 -3.99 -14.29
C PHE A 215 16.29 -4.71 -14.80
N GLU A 216 17.36 -3.94 -15.04
CA GLU A 216 18.71 -4.45 -15.06
C GLU A 216 19.58 -3.60 -14.16
N VAL A 217 20.83 -4.04 -13.98
CA VAL A 217 21.88 -3.20 -13.43
C VAL A 217 22.70 -2.63 -14.58
N SER A 218 22.85 -1.31 -14.60
CA SER A 218 23.85 -0.69 -15.46
C SER A 218 25.25 -0.90 -14.91
N THR A 219 26.24 -0.68 -15.77
CA THR A 219 27.62 -0.71 -15.33
C THR A 219 27.90 0.42 -14.36
N SER A 220 29.09 0.38 -13.76
CA SER A 220 29.51 1.46 -12.87
C SER A 220 29.62 2.78 -13.63
N GLU A 221 30.11 2.74 -14.87
CA GLU A 221 30.36 3.97 -15.61
C GLU A 221 29.06 4.62 -16.05
N ARG A 222 28.12 3.82 -16.57
CA ARG A 222 26.75 4.27 -16.70
C ARG A 222 26.16 4.63 -15.33
N GLY A 223 25.38 5.69 -15.30
CA GLY A 223 24.36 5.88 -14.30
C GLY A 223 23.00 5.37 -14.76
N ALA A 224 21.96 5.80 -14.06
CA ALA A 224 20.62 5.28 -14.30
C ALA A 224 20.13 5.68 -15.68
N GLN A 225 19.32 4.81 -16.29
CA GLN A 225 18.77 5.05 -17.62
C GLN A 225 17.51 4.22 -17.78
N HIS A 226 16.71 4.57 -18.78
CA HIS A 226 15.42 3.95 -18.98
C HIS A 226 15.02 4.00 -20.44
N HIS A 227 14.26 2.99 -20.86
CA HIS A 227 13.45 3.04 -22.07
C HIS A 227 11.99 2.84 -21.70
N ILE A 228 11.11 3.61 -22.33
CA ILE A 228 9.68 3.60 -22.05
C ILE A 228 8.94 3.04 -23.24
N TYR A 229 8.07 2.07 -23.01
CA TYR A 229 7.29 1.43 -24.05
C TYR A 229 5.79 1.59 -23.76
N ARG A 230 5.00 1.61 -24.83
CA ARG A 230 3.61 1.22 -24.74
C ARG A 230 3.48 -0.30 -24.56
N LEU A 231 2.45 -0.71 -23.83
CA LEU A 231 2.02 -2.10 -23.79
C LEU A 231 0.77 -2.24 -24.65
N VAL A 232 0.89 -2.98 -25.76
CA VAL A 232 -0.20 -3.14 -26.71
C VAL A 232 -0.74 -4.56 -26.61
N ARG A 233 -1.93 -4.75 -27.16
CA ARG A 233 -2.47 -6.09 -27.36
C ARG A 233 -3.40 -6.14 -28.57
N GLY B 9 -15.62 0.90 24.84
CA GLY B 9 -15.38 1.42 23.49
C GLY B 9 -13.92 1.36 23.08
N LEU B 10 -13.68 1.26 21.78
CA LEU B 10 -12.34 1.44 21.23
C LEU B 10 -12.14 2.92 20.91
N GLY B 11 -11.15 3.53 21.53
CA GLY B 11 -10.68 4.84 21.15
C GLY B 11 -10.29 5.64 22.37
N THR B 12 -10.09 6.93 22.16
CA THR B 12 -9.72 7.87 23.20
C THR B 12 -10.83 8.92 23.34
N ALA B 13 -10.63 9.84 24.29
CA ALA B 13 -11.38 11.09 24.25
C ALA B 13 -11.11 11.85 22.95
N ARG B 14 -9.89 11.76 22.43
CA ARG B 14 -9.52 12.53 21.26
C ARG B 14 -10.10 11.93 19.98
N LEU B 15 -10.18 10.60 19.89
CA LEU B 15 -10.76 9.94 18.74
C LEU B 15 -11.43 8.65 19.18
N GLN B 16 -12.63 8.40 18.69
CA GLN B 16 -13.29 7.11 18.83
C GLN B 16 -13.67 6.58 17.46
N LEU B 17 -13.36 5.31 17.21
CA LEU B 17 -14.13 4.52 16.25
C LEU B 17 -15.57 4.38 16.71
N VAL B 18 -16.50 4.50 15.77
CA VAL B 18 -17.92 4.21 16.01
C VAL B 18 -18.35 2.94 15.30
N GLU B 19 -18.04 2.80 14.01
CA GLU B 19 -18.44 1.63 13.27
C GLU B 19 -17.33 1.23 12.29
N PHE B 20 -17.01 -0.07 12.27
CA PHE B 20 -16.11 -0.64 11.29
C PHE B 20 -16.71 -1.92 10.72
N SER B 21 -16.52 -2.12 9.42
CA SER B 21 -17.14 -3.25 8.74
C SER B 21 -16.36 -3.55 7.47
N ALA B 22 -16.06 -4.83 7.25
CA ALA B 22 -15.52 -5.30 5.98
C ALA B 22 -16.42 -6.38 5.39
N PHE B 23 -16.77 -6.23 4.12
CA PHE B 23 -18.01 -6.78 3.60
C PHE B 23 -17.85 -7.10 2.12
N VAL B 24 -18.69 -8.01 1.65
CA VAL B 24 -18.79 -8.32 0.23
C VAL B 24 -20.19 -7.96 -0.25
N GLU B 25 -20.26 -7.41 -1.46
CA GLU B 25 -21.53 -7.12 -2.09
C GLU B 25 -21.66 -7.87 -3.42
N PRO B 26 -22.84 -8.43 -3.71
CA PRO B 26 -23.05 -9.28 -4.89
C PRO B 26 -23.09 -8.49 -6.20
N GLN B 34 -29.23 -7.68 0.51
CA GLN B 34 -28.45 -7.03 1.56
C GLN B 34 -26.95 -7.10 1.26
N ARG B 35 -26.18 -7.53 2.25
CA ARG B 35 -24.75 -7.72 2.09
C ARG B 35 -24.32 -8.88 2.97
N HIS B 36 -23.04 -9.24 2.87
CA HIS B 36 -22.42 -10.15 3.81
C HIS B 36 -21.29 -9.44 4.54
N LEU B 37 -21.23 -9.64 5.85
CA LEU B 37 -20.27 -8.98 6.73
C LEU B 37 -19.30 -10.03 7.23
N PHE B 38 -18.06 -9.99 6.74
CA PHE B 38 -17.01 -10.83 7.31
C PHE B 38 -16.78 -10.49 8.78
N VAL B 39 -16.55 -9.21 9.07
CA VAL B 39 -16.41 -8.72 10.44
C VAL B 39 -17.16 -7.40 10.55
N HIS B 40 -17.53 -7.04 11.78
CA HIS B 40 -18.35 -5.86 12.00
C HIS B 40 -18.10 -5.34 13.41
N ILE B 41 -17.69 -4.08 13.53
CA ILE B 41 -17.76 -3.33 14.77
C ILE B 41 -18.74 -2.18 14.57
N SER B 42 -19.66 -2.02 15.51
CA SER B 42 -20.57 -0.88 15.52
C SER B 42 -20.81 -0.46 16.96
N GLN B 43 -20.31 0.71 17.35
CA GLN B 43 -20.34 1.14 18.74
C GLN B 43 -21.26 2.33 18.94
N PRO B 52 -16.28 -2.44 30.68
CA PRO B 52 -14.83 -2.24 30.65
C PRO B 52 -14.10 -3.29 29.81
N LEU B 53 -13.07 -2.86 29.10
CA LEU B 53 -12.31 -3.75 28.23
C LEU B 53 -11.18 -4.41 29.01
N GLU B 54 -10.81 -5.61 28.55
CA GLU B 54 -9.76 -6.37 29.21
C GLU B 54 -8.39 -5.87 28.80
N SER B 55 -7.37 -6.34 29.51
CA SER B 55 -6.01 -5.83 29.40
C SER B 55 -5.09 -6.95 28.91
N VAL B 56 -4.31 -6.66 27.89
CA VAL B 56 -3.52 -7.67 27.18
C VAL B 56 -2.11 -7.14 26.97
N ASP B 57 -1.11 -7.96 27.30
CA ASP B 57 0.28 -7.54 27.21
C ASP B 57 0.69 -7.39 25.76
N VAL B 58 1.09 -6.17 25.38
CA VAL B 58 1.55 -5.91 24.01
C VAL B 58 2.84 -6.66 23.72
N ARG B 59 3.57 -7.09 24.75
CA ARG B 59 4.72 -7.97 24.55
C ARG B 59 4.32 -9.27 23.87
N GLN B 60 3.09 -9.75 24.13
CA GLN B 60 2.66 -11.04 23.61
C GLN B 60 2.67 -11.07 22.09
N ILE B 61 2.30 -9.94 21.46
CA ILE B 61 2.00 -9.89 20.04
C ILE B 61 3.05 -9.09 19.27
N TYR B 62 4.21 -8.82 19.89
CA TYR B 62 5.30 -8.16 19.17
C TYR B 62 5.70 -8.97 17.93
N ASP B 63 5.68 -10.29 18.03
CA ASP B 63 6.25 -11.14 17.00
C ASP B 63 5.36 -11.27 15.77
N LYS B 64 4.05 -11.00 15.91
CA LYS B 64 3.15 -10.96 14.78
C LYS B 64 3.23 -9.65 14.00
N PHE B 65 4.16 -8.78 14.35
CA PHE B 65 4.29 -7.48 13.71
C PHE B 65 5.79 -7.18 13.55
N PRO B 66 6.14 -6.36 12.56
CA PRO B 66 7.58 -6.15 12.27
C PRO B 66 8.29 -5.49 13.43
N GLU B 67 9.54 -5.91 13.65
CA GLU B 67 10.30 -5.50 14.82
C GLU B 67 11.09 -4.21 14.60
N LYS B 68 11.53 -3.98 13.37
CA LYS B 68 11.74 -2.66 12.76
C LYS B 68 10.49 -2.20 12.03
N LYS B 69 10.63 -1.30 11.05
CA LYS B 69 10.47 0.15 11.19
C LYS B 69 9.23 0.52 11.99
N GLY B 70 8.06 0.16 11.47
CA GLY B 70 6.81 0.68 11.95
C GLY B 70 6.27 -0.19 13.06
N GLY B 71 7.10 -0.46 14.06
CA GLY B 71 6.97 -1.65 14.87
C GLY B 71 6.14 -1.39 16.12
N LEU B 72 5.50 -2.44 16.61
CA LEU B 72 4.65 -2.29 17.78
C LEU B 72 5.46 -1.95 19.03
N ARG B 73 6.69 -2.45 19.13
CA ARG B 73 7.62 -1.98 20.16
C ARG B 73 7.89 -0.49 20.01
N GLU B 74 8.28 -0.07 18.80
CA GLU B 74 8.69 1.32 18.60
C GLU B 74 7.51 2.27 18.82
N LEU B 75 6.36 1.94 18.25
CA LEU B 75 5.20 2.83 18.36
C LEU B 75 4.73 2.92 19.81
N TYR B 76 4.76 1.80 20.54
CA TYR B 76 4.34 1.81 21.94
C TYR B 76 5.34 2.58 22.79
N ASP B 77 6.64 2.42 22.53
CA ASP B 77 7.64 3.26 23.16
C ASP B 77 7.34 4.73 22.94
N ARG B 78 6.97 5.10 21.71
CA ARG B 78 6.57 6.48 21.43
C ARG B 78 5.32 6.86 22.20
N GLY B 79 4.36 5.95 22.32
CA GLY B 79 3.12 6.22 22.99
C GLY B 79 2.15 7.01 22.13
N PRO B 80 1.03 7.42 22.73
CA PRO B 80 0.64 7.18 24.12
C PRO B 80 0.04 5.80 24.35
N PRO B 81 0.39 5.17 25.48
CA PRO B 81 -0.01 3.77 25.70
C PRO B 81 -1.52 3.58 25.77
N HIS B 82 -2.29 4.62 26.07
CA HIS B 82 -3.73 4.49 26.16
C HIS B 82 -4.40 4.45 24.79
N ALA B 83 -3.67 4.70 23.72
CA ALA B 83 -4.22 4.72 22.37
C ALA B 83 -3.92 3.44 21.60
N PHE B 84 -3.44 2.39 22.27
CA PHE B 84 -3.06 1.15 21.63
C PHE B 84 -4.05 0.06 22.01
N PHE B 85 -4.63 -0.60 21.00
CA PHE B 85 -5.75 -1.49 21.20
C PHE B 85 -5.53 -2.77 20.39
N LEU B 86 -6.17 -3.85 20.83
CA LEU B 86 -6.18 -5.12 20.11
C LEU B 86 -7.61 -5.52 19.80
N VAL B 87 -7.86 -5.93 18.56
CA VAL B 87 -9.14 -6.51 18.15
C VAL B 87 -8.86 -7.91 17.62
N LYS B 88 -9.22 -8.91 18.41
CA LYS B 88 -9.47 -10.24 17.87
C LYS B 88 -10.77 -10.22 17.05
N PHE B 89 -10.66 -10.56 15.78
CA PHE B 89 -11.83 -10.85 14.96
C PHE B 89 -12.05 -12.35 14.84
N TRP B 90 -13.31 -12.75 14.78
CA TRP B 90 -13.69 -14.11 14.43
C TRP B 90 -14.56 -14.07 13.17
N ALA B 91 -13.91 -14.28 12.02
CA ALA B 91 -14.43 -13.78 10.76
C ALA B 91 -15.48 -14.72 10.21
N ASP B 92 -16.55 -14.14 9.65
CA ASP B 92 -17.58 -14.91 8.96
C ASP B 92 -17.15 -15.10 7.51
N LEU B 93 -16.51 -16.24 7.24
CA LEU B 93 -15.99 -16.56 5.92
C LEU B 93 -16.92 -17.49 5.15
N ASN B 94 -18.23 -17.35 5.32
CA ASN B 94 -19.21 -18.19 4.64
C ASN B 94 -20.22 -17.29 3.94
N TRP B 95 -20.23 -17.34 2.62
CA TRP B 95 -21.16 -16.56 1.82
C TRP B 95 -21.29 -17.16 0.42
N GLY B 112 -18.17 -9.73 -7.50
CA GLY B 112 -18.72 -8.92 -6.43
C GLY B 112 -17.73 -7.94 -5.83
N PHE B 113 -18.25 -6.93 -5.13
CA PHE B 113 -17.43 -5.85 -4.62
C PHE B 113 -17.01 -6.14 -3.19
N TYR B 114 -15.72 -5.96 -2.91
CA TYR B 114 -15.15 -6.20 -1.59
C TYR B 114 -14.75 -4.85 -0.99
N GLY B 115 -15.44 -4.45 0.07
CA GLY B 115 -15.28 -3.12 0.62
C GLY B 115 -14.87 -3.18 2.09
N VAL B 116 -14.21 -2.11 2.54
CA VAL B 116 -14.09 -1.79 3.96
C VAL B 116 -14.77 -0.45 4.21
N SER B 117 -15.60 -0.40 5.24
CA SER B 117 -16.27 0.84 5.65
C SER B 117 -15.94 1.10 7.12
N SER B 118 -15.30 2.23 7.39
CA SER B 118 -14.92 2.61 8.73
C SER B 118 -15.30 4.07 8.97
N GLN B 119 -15.89 4.33 10.13
CA GLN B 119 -16.26 5.68 10.54
C GLN B 119 -15.63 6.00 11.89
N TYR B 120 -15.06 7.19 12.00
CA TYR B 120 -14.50 7.68 13.24
C TYR B 120 -15.23 8.95 13.65
N GLU B 121 -14.71 9.61 14.69
CA GLU B 121 -15.56 10.42 15.56
C GLU B 121 -14.71 11.26 16.51
N SER B 122 -14.97 12.56 16.55
CA SER B 122 -14.16 13.47 17.36
C SER B 122 -14.99 14.68 17.73
N LEU B 123 -14.61 15.31 18.83
CA LEU B 123 -15.02 16.67 19.12
C LEU B 123 -14.10 17.71 18.47
N GLU B 124 -12.80 17.40 18.40
CA GLU B 124 -11.84 18.29 17.79
C GLU B 124 -11.90 18.16 16.27
N HIS B 125 -11.72 19.29 15.58
CA HIS B 125 -11.54 19.26 14.13
C HIS B 125 -10.12 18.89 13.79
N MET B 126 -9.96 17.88 12.93
CA MET B 126 -8.65 17.32 12.64
C MET B 126 -8.64 16.82 11.19
N THR B 127 -7.44 16.58 10.68
CA THR B 127 -7.24 15.71 9.53
C THR B 127 -6.47 14.47 9.95
N LEU B 128 -6.97 13.30 9.55
CA LEU B 128 -6.41 12.02 9.98
C LEU B 128 -5.58 11.40 8.87
N THR B 129 -4.49 10.75 9.25
CA THR B 129 -3.80 9.77 8.40
C THR B 129 -4.04 8.38 8.98
N CYS B 130 -4.75 7.53 8.24
CA CYS B 130 -5.03 6.16 8.65
C CYS B 130 -4.08 5.23 7.90
N SER B 131 -3.16 4.61 8.62
CA SER B 131 -2.16 3.72 8.05
C SER B 131 -2.53 2.28 8.37
N SER B 132 -2.88 1.50 7.35
CA SER B 132 -3.15 0.07 7.50
C SER B 132 -1.93 -0.72 7.03
N LYS B 133 -1.41 -1.58 7.90
CA LYS B 133 -0.26 -2.42 7.59
C LYS B 133 -0.69 -3.88 7.76
N VAL B 134 -0.98 -4.54 6.64
CA VAL B 134 -1.15 -5.99 6.66
C VAL B 134 0.21 -6.64 6.85
N CYS B 135 0.29 -7.60 7.77
CA CYS B 135 1.51 -8.35 8.03
C CYS B 135 1.26 -9.83 7.81
N SER B 136 2.15 -10.49 7.08
CA SER B 136 2.13 -11.93 6.89
C SER B 136 3.38 -12.53 7.52
N PHE B 137 3.18 -13.44 8.47
CA PHE B 137 4.28 -14.15 9.14
C PHE B 137 5.23 -13.16 9.82
N GLY B 138 4.69 -12.05 10.32
CA GLY B 138 5.50 -11.00 10.90
C GLY B 138 6.11 -10.02 9.92
N LYS B 139 5.83 -10.16 8.62
CA LYS B 139 6.42 -9.32 7.59
C LYS B 139 5.34 -8.43 6.99
N GLN B 140 5.65 -7.14 6.87
CA GLN B 140 4.74 -6.22 6.20
C GLN B 140 4.62 -6.56 4.73
N VAL B 141 3.39 -6.74 4.26
CA VAL B 141 3.17 -7.17 2.88
C VAL B 141 2.29 -6.16 2.15
N VAL B 142 1.44 -5.47 2.89
CA VAL B 142 0.64 -4.36 2.36
C VAL B 142 0.70 -3.20 3.34
N GLU B 143 0.87 -1.99 2.82
CA GLU B 143 0.53 -0.78 3.55
C GLU B 143 -0.39 0.10 2.71
N LYS B 144 -1.48 0.57 3.31
CA LYS B 144 -2.35 1.57 2.71
C LYS B 144 -2.39 2.81 3.61
N VAL B 145 -2.21 3.98 3.01
CA VAL B 145 -2.14 5.25 3.74
C VAL B 145 -3.20 6.17 3.17
N GLU B 146 -4.22 6.49 3.99
CA GLU B 146 -5.36 7.27 3.55
C GLU B 146 -5.45 8.56 4.36
N THR B 147 -6.17 9.53 3.80
CA THR B 147 -6.56 10.75 4.50
C THR B 147 -8.07 10.81 4.59
N GLU B 148 -8.59 11.24 5.74
CA GLU B 148 -9.94 11.79 5.84
C GLU B 148 -9.91 13.07 6.65
N ARG B 149 -10.37 14.17 6.05
CA ARG B 149 -10.66 15.42 6.72
C ARG B 149 -11.97 15.33 7.49
N ALA B 150 -12.12 16.24 8.45
CA ALA B 150 -13.28 16.24 9.32
C ALA B 150 -14.50 16.81 8.60
N GLN B 151 -15.66 16.28 8.96
CA GLN B 151 -16.97 16.77 8.55
C GLN B 151 -17.84 16.84 9.78
N LEU B 152 -18.74 17.83 9.83
CA LEU B 152 -19.67 17.93 10.94
C LEU B 152 -20.66 16.77 10.86
N GLU B 153 -20.99 16.21 12.02
CA GLU B 153 -22.27 15.56 12.22
C GLU B 153 -22.74 15.93 13.61
N ASP B 154 -23.90 16.58 13.67
CA ASP B 154 -24.74 16.65 14.86
C ASP B 154 -23.94 17.18 16.05
N GLY B 155 -23.07 18.14 15.78
CA GLY B 155 -22.17 18.64 16.80
C GLY B 155 -20.93 17.83 17.05
N ARG B 156 -20.75 16.71 16.35
CA ARG B 156 -19.70 15.74 16.66
C ARG B 156 -18.95 15.42 15.37
N PHE B 157 -17.72 15.88 15.27
CA PHE B 157 -16.95 15.69 14.04
C PHE B 157 -16.75 14.20 13.78
N VAL B 158 -17.02 13.78 12.54
CA VAL B 158 -16.89 12.37 12.16
C VAL B 158 -15.98 12.28 10.94
N TYR B 159 -15.34 11.12 10.80
CA TYR B 159 -14.42 10.85 9.72
C TYR B 159 -14.86 9.57 9.02
N ARG B 160 -15.38 9.70 7.81
CA ARG B 160 -16.12 8.64 7.16
C ARG B 160 -15.30 8.10 6.00
N LEU B 161 -14.85 6.86 6.15
CA LEU B 161 -13.90 6.24 5.21
C LEU B 161 -14.58 5.11 4.43
N LEU B 162 -15.85 5.31 4.09
CA LEU B 162 -16.73 4.18 3.77
C LEU B 162 -16.39 3.61 2.40
N ARG B 163 -16.57 2.30 2.27
CA ARG B 163 -16.65 1.64 0.97
C ARG B 163 -15.38 1.82 0.16
N SER B 164 -14.26 2.04 0.85
CA SER B 164 -12.96 1.86 0.23
C SER B 164 -12.84 0.43 -0.30
N PRO B 165 -12.30 0.23 -1.49
CA PRO B 165 -12.10 -1.13 -2.00
C PRO B 165 -11.17 -1.92 -1.07
N MET B 166 -11.58 -3.14 -0.76
CA MET B 166 -10.70 -4.03 -0.02
C MET B 166 -9.44 -4.30 -0.83
N CYS B 167 -8.32 -4.36 -0.12
CA CYS B 167 -7.01 -4.56 -0.71
C CYS B 167 -7.02 -5.83 -1.59
N GLU B 168 -6.52 -5.70 -2.82
CA GLU B 168 -6.58 -6.83 -3.75
C GLU B 168 -5.76 -8.02 -3.27
N TYR B 169 -4.78 -7.78 -2.39
CA TYR B 169 -4.10 -8.88 -1.72
C TYR B 169 -5.09 -9.74 -0.94
N LEU B 170 -6.03 -9.11 -0.25
CA LEU B 170 -6.86 -9.83 0.69
C LEU B 170 -8.11 -10.43 0.05
N VAL B 171 -8.60 -9.85 -1.04
CA VAL B 171 -9.68 -10.50 -1.79
C VAL B 171 -9.17 -11.80 -2.43
N ASN B 172 -7.95 -11.78 -2.97
CA ASN B 172 -7.30 -13.01 -3.37
C ASN B 172 -7.08 -13.94 -2.17
N PHE B 173 -6.64 -13.38 -1.05
CA PHE B 173 -6.46 -14.17 0.17
C PHE B 173 -7.79 -14.78 0.61
N LEU B 174 -8.86 -13.98 0.62
CA LEU B 174 -10.15 -14.45 1.10
C LEU B 174 -10.70 -15.56 0.21
N HIS B 175 -10.55 -15.42 -1.10
CA HIS B 175 -11.09 -16.41 -2.03
C HIS B 175 -10.36 -17.74 -1.91
N LYS B 176 -9.03 -17.69 -1.82
CA LYS B 176 -8.26 -18.88 -1.49
C LYS B 176 -8.68 -19.44 -0.13
N LEU B 177 -8.97 -18.56 0.83
CA LEU B 177 -9.12 -19.00 2.22
C LEU B 177 -10.43 -19.74 2.43
N ARG B 178 -11.51 -19.28 1.79
CA ARG B 178 -12.79 -19.99 1.94
C ARG B 178 -12.72 -21.39 1.37
N GLN B 179 -11.83 -21.62 0.39
CA GLN B 179 -11.74 -22.93 -0.24
C GLN B 179 -11.39 -24.02 0.77
N LEU B 180 -10.75 -23.65 1.87
CA LEU B 180 -10.23 -24.64 2.80
C LEU B 180 -11.37 -25.45 3.40
N PRO B 181 -11.19 -26.76 3.61
CA PRO B 181 -12.32 -27.64 3.91
C PRO B 181 -12.69 -27.74 5.37
N GLU B 182 -11.89 -27.21 6.29
CA GLU B 182 -12.23 -27.23 7.71
C GLU B 182 -11.85 -25.92 8.35
N ARG B 183 -12.52 -25.60 9.46
CA ARG B 183 -12.29 -24.35 10.15
C ARG B 183 -10.89 -24.29 10.75
N TYR B 184 -10.42 -25.39 11.34
CA TYR B 184 -9.13 -25.38 12.03
C TYR B 184 -7.99 -25.10 11.07
N MET B 185 -8.17 -25.39 9.79
CA MET B 185 -7.15 -25.06 8.80
C MET B 185 -7.14 -23.56 8.48
N MET B 186 -8.32 -22.95 8.40
CA MET B 186 -8.37 -21.49 8.22
C MET B 186 -7.73 -20.77 9.41
N ASN B 187 -7.97 -21.28 10.63
CA ASN B 187 -7.38 -20.66 11.81
C ASN B 187 -5.87 -20.84 11.83
N SER B 188 -5.39 -22.00 11.38
CA SER B 188 -3.95 -22.21 11.23
C SER B 188 -3.35 -21.19 10.27
N VAL B 189 -4.00 -20.99 9.11
CA VAL B 189 -3.48 -20.05 8.13
C VAL B 189 -3.48 -18.64 8.71
N LEU B 190 -4.58 -18.26 9.37
CA LEU B 190 -4.79 -16.86 9.74
C LEU B 190 -4.00 -16.46 10.98
N GLU B 191 -3.50 -17.44 11.76
CA GLU B 191 -2.63 -17.13 12.88
C GLU B 191 -1.29 -16.57 12.45
N ASN B 192 -0.97 -16.62 11.15
CA ASN B 192 0.20 -15.97 10.60
C ASN B 192 -0.16 -14.69 9.82
N PHE B 193 -1.33 -14.12 10.07
CA PHE B 193 -1.76 -12.91 9.37
C PHE B 193 -2.28 -11.89 10.37
N THR B 194 -1.80 -10.65 10.25
CA THR B 194 -2.24 -9.56 11.10
C THR B 194 -2.39 -8.29 10.27
N ILE B 195 -3.15 -7.35 10.83
CA ILE B 195 -3.24 -5.99 10.31
C ILE B 195 -2.99 -5.01 11.46
N LEU B 196 -2.17 -4.00 11.19
CA LEU B 196 -1.91 -2.92 12.13
C LEU B 196 -2.42 -1.60 11.56
N GLN B 197 -3.13 -0.83 12.38
CA GLN B 197 -3.76 0.42 11.94
C GLN B 197 -3.34 1.55 12.88
N VAL B 198 -2.57 2.50 12.35
CA VAL B 198 -2.14 3.68 13.09
C VAL B 198 -2.89 4.88 12.54
N VAL B 199 -3.64 5.56 13.40
CA VAL B 199 -4.38 6.77 13.05
C VAL B 199 -3.67 7.95 13.72
N THR B 200 -3.14 8.85 12.91
CA THR B 200 -2.41 10.01 13.39
C THR B 200 -3.12 11.30 12.96
N ASN B 201 -2.96 12.33 13.78
CA ASN B 201 -3.19 13.69 13.34
C ASN B 201 -2.15 14.06 12.28
N ARG B 202 -2.61 14.30 11.04
CA ARG B 202 -1.68 14.63 9.96
C ARG B 202 -0.96 15.95 10.24
N ASP B 203 -1.67 16.93 10.79
CA ASP B 203 -1.09 18.26 10.95
C ASP B 203 -0.05 18.30 12.06
N THR B 204 -0.16 17.41 13.04
CA THR B 204 0.74 17.41 14.18
C THR B 204 1.63 16.18 14.27
N GLN B 205 1.36 15.15 13.46
CA GLN B 205 2.10 13.89 13.50
C GLN B 205 2.19 13.33 14.91
N GLU B 206 1.07 13.35 15.63
CA GLU B 206 0.95 12.61 16.88
C GLU B 206 -0.09 11.51 16.74
N LEU B 207 0.26 10.33 17.24
CA LEU B 207 -0.62 9.18 17.16
C LEU B 207 -1.91 9.46 17.92
N LEU B 208 -3.04 9.16 17.28
CA LEU B 208 -4.34 9.21 17.94
C LEU B 208 -4.86 7.84 18.32
N LEU B 209 -4.53 6.80 17.54
CA LEU B 209 -5.16 5.50 17.70
C LEU B 209 -4.32 4.47 16.96
N CYS B 210 -3.95 3.40 17.64
CA CYS B 210 -3.22 2.30 17.03
C CYS B 210 -3.90 0.98 17.41
N THR B 211 -4.19 0.15 16.41
CA THR B 211 -4.98 -1.06 16.61
C THR B 211 -4.28 -2.23 15.93
N ALA B 212 -3.86 -3.21 16.71
CA ALA B 212 -3.54 -4.53 16.19
C ALA B 212 -4.80 -5.33 15.89
N TYR B 213 -4.74 -6.15 14.85
CA TYR B 213 -5.85 -7.03 14.47
C TYR B 213 -5.33 -8.45 14.35
N VAL B 214 -5.99 -9.39 15.02
CA VAL B 214 -5.78 -10.82 14.80
C VAL B 214 -7.11 -11.48 14.48
N PHE B 215 -7.02 -12.61 13.80
CA PHE B 215 -8.17 -13.20 13.13
C PHE B 215 -8.21 -14.69 13.41
N GLU B 216 -9.38 -15.18 13.81
CA GLU B 216 -9.79 -16.56 13.60
C GLU B 216 -11.05 -16.60 12.72
N VAL B 217 -11.59 -17.80 12.55
CA VAL B 217 -12.78 -18.02 11.74
C VAL B 217 -13.91 -18.50 12.65
N SER B 218 -15.04 -17.79 12.61
CA SER B 218 -16.25 -18.22 13.27
C SER B 218 -17.00 -19.23 12.40
N THR B 219 -17.91 -19.97 13.04
CA THR B 219 -18.90 -20.74 12.31
C THR B 219 -19.94 -19.80 11.69
N SER B 220 -20.64 -20.32 10.68
CA SER B 220 -21.82 -19.63 10.16
C SER B 220 -22.88 -19.43 11.23
N GLU B 221 -23.11 -20.47 12.04
CA GLU B 221 -24.20 -20.43 13.01
C GLU B 221 -23.94 -19.36 14.06
N ARG B 222 -22.71 -19.31 14.59
CA ARG B 222 -22.36 -18.30 15.59
C ARG B 222 -22.36 -16.91 14.98
N GLY B 223 -21.87 -16.78 13.76
CA GLY B 223 -21.73 -15.48 13.12
C GLY B 223 -20.49 -14.74 13.59
N ALA B 224 -20.30 -13.57 12.97
CA ALA B 224 -19.13 -12.76 13.27
C ALA B 224 -19.24 -12.18 14.68
N GLN B 225 -18.12 -12.19 15.40
CA GLN B 225 -18.00 -11.34 16.58
C GLN B 225 -16.55 -10.94 16.76
N HIS B 226 -16.36 -9.91 17.59
CA HIS B 226 -15.05 -9.38 17.93
C HIS B 226 -14.92 -9.30 19.45
N HIS B 227 -13.69 -9.26 19.92
CA HIS B 227 -13.43 -8.72 21.25
C HIS B 227 -12.31 -7.71 21.18
N ILE B 228 -12.55 -6.55 21.78
CA ILE B 228 -11.63 -5.42 21.72
C ILE B 228 -10.88 -5.33 23.03
N TYR B 229 -9.55 -5.35 22.95
CA TYR B 229 -8.69 -5.37 24.12
C TYR B 229 -7.84 -4.11 24.14
N ARG B 230 -6.90 -4.07 25.08
CA ARG B 230 -6.32 -2.82 25.56
C ARG B 230 -4.85 -3.09 25.86
N LEU B 231 -3.97 -2.61 25.00
CA LEU B 231 -2.58 -3.04 25.02
C LEU B 231 -1.83 -2.33 26.13
N VAL B 232 -1.15 -3.08 26.97
CA VAL B 232 -0.48 -2.55 28.16
C VAL B 232 0.98 -2.96 28.13
N ARG B 233 1.85 -2.03 28.50
CA ARG B 233 3.24 -2.33 28.86
C ARG B 233 4.03 -2.83 27.66
N1 ED0 C . 8.44 1.08 -2.36
C4 ED0 C . 9.04 1.45 -4.57
C5 ED0 C . 9.67 1.57 -5.91
C6 ED0 C . 11.81 1.23 -7.07
C7 ED0 C . 13.19 0.78 -6.77
C8 ED0 C . 13.48 0.31 -5.39
C10 ED0 C . 13.83 1.15 -9.04
C13 ED0 C . 8.85 2.09 -6.91
C15 ED0 C . 6.90 2.34 -5.44
N ED0 C . 7.73 1.47 -0.28
C ED0 C . 8.36 0.71 -1.10
C1 ED0 C . 9.58 0.97 -3.26
C11 ED0 C . 12.54 1.59 -9.34
C12 ED0 C . 11.54 1.64 -8.38
C14 ED0 C . 7.52 2.44 -6.68
C2 ED0 C . 7.22 1.64 -2.99
C3 ED0 C . 7.66 1.84 -4.40
C9 ED0 C . 14.16 0.74 -7.75
F ED0 C . 12.89 1.10 -4.50
F1 ED0 C . 12.96 -0.89 -5.35
F2 ED0 C . 14.77 0.25 -5.17
N2 ED0 C . 10.96 1.20 -6.02
N1 ED0 D . -7.28 -4.12 4.13
C4 ED0 D . -8.62 -5.49 5.49
C5 ED0 D . -9.35 -6.57 6.23
C6 ED0 D . -10.52 -8.70 6.41
C7 ED0 D . -10.21 -10.11 6.84
C8 ED0 D . -8.89 -10.83 6.70
C10 ED0 D . -12.47 -10.39 7.65
C13 ED0 D . -9.77 -6.22 7.52
C15 ED0 D . -8.91 -3.94 7.41
N ED0 D . -5.18 -3.46 3.75
C ED0 D . -6.32 -3.72 3.28
C1 ED0 D . -7.98 -5.42 4.11
C11 ED0 D . -12.78 -9.10 7.25
C12 ED0 D . -11.83 -8.28 6.64
C14 ED0 D . -9.59 -4.96 8.08
C2 ED0 D . -7.70 -3.25 5.24
C3 ED0 D . -8.45 -4.20 6.14
C9 ED0 D . -11.20 -10.89 7.43
F ED0 D . -8.86 -11.43 5.52
F1 ED0 D . -7.86 -10.02 6.83
F2 ED0 D . -8.84 -11.77 7.65
N2 ED0 D . -9.61 -7.85 5.80
#